data_8ZWT
#
_entry.id   8ZWT
#
_cell.length_a   50.061
_cell.length_b   71.911
_cell.length_c   88.324
_cell.angle_alpha   90.000
_cell.angle_beta   90.000
_cell.angle_gamma   90.000
#
_symmetry.space_group_name_H-M   'P 21 21 21'
#
loop_
_entity.id
_entity.type
_entity.pdbx_description
1 polymer 'Thiol peroxidase'
2 non-polymer (2R,3S)-1,4-DIMERCAPTOBUTANE-2,3-DIOL
3 water water
#
_entity_poly.entity_id   1
_entity_poly.type   'polypeptide(L)'
_entity_poly.pdbx_seq_one_letter_code
;MTEITFKGGPIHLKGQQINEGDFAPDFTVLDNDLNQVTLADYAGKKKLISVVPSIDTGVCDQQTRKFNSDASKEEGIVLT
ISADLPFAQKRWCASAGLDNVITLSDHRDLSFGENYGVVMEELRLLARAVFVLDADNKVVYKEIVSEGTDFPDFDAALAA
YKNI
;
_entity_poly.pdbx_strand_id   A,B
#
loop_
_chem_comp.id
_chem_comp.type
_chem_comp.name
_chem_comp.formula
DTU non-polymer (2R,3S)-1,4-DIMERCAPTOBUTANE-2,3-DIOL 'C4 H10 O2 S2'
#
# COMPACT_ATOMS: atom_id res chain seq x y z
N THR A 2 1.31 -0.87 24.15
CA THR A 2 2.52 -1.60 23.74
C THR A 2 2.21 -2.89 22.95
N GLU A 3 1.22 -3.66 23.37
CA GLU A 3 0.81 -4.86 22.65
C GLU A 3 -0.70 -4.87 22.52
N ILE A 4 -1.16 -5.31 21.36
CA ILE A 4 -2.57 -5.46 21.03
C ILE A 4 -2.75 -6.84 20.41
N THR A 5 -3.95 -7.12 19.93
CA THR A 5 -4.20 -8.29 19.09
C THR A 5 -4.86 -7.81 17.81
N PHE A 6 -4.70 -8.61 16.76
CA PHE A 6 -5.36 -8.34 15.49
C PHE A 6 -5.83 -9.68 14.97
N LYS A 7 -7.14 -9.85 14.87
CA LYS A 7 -7.76 -11.16 14.60
C LYS A 7 -7.45 -12.15 15.71
N GLY A 8 -7.21 -11.65 16.92
CA GLY A 8 -6.80 -12.49 18.03
C GLY A 8 -5.32 -12.82 18.05
N GLY A 9 -4.56 -12.49 17.01
CA GLY A 9 -3.14 -12.78 17.05
C GLY A 9 -2.36 -11.67 17.74
N PRO A 10 -1.27 -12.00 18.40
CA PRO A 10 -0.51 -10.94 19.10
C PRO A 10 0.18 -9.99 18.14
N ILE A 11 0.16 -8.70 18.48
CA ILE A 11 0.72 -7.65 17.64
C ILE A 11 1.50 -6.72 18.57
N HIS A 12 2.73 -6.41 18.19
CA HIS A 12 3.54 -5.44 18.92
C HIS A 12 3.51 -4.11 18.20
N LEU A 13 3.26 -3.05 18.97
CA LEU A 13 3.17 -1.69 18.49
C LEU A 13 4.55 -1.08 18.57
N LYS A 14 5.01 -0.53 17.46
CA LYS A 14 6.35 0.06 17.36
C LYS A 14 6.18 1.56 17.35
N GLY A 15 7.08 2.28 18.00
CA GLY A 15 7.06 3.72 17.92
C GLY A 15 6.98 4.39 19.27
N GLN A 16 6.95 5.72 19.21
CA GLN A 16 6.88 6.57 20.39
C GLN A 16 5.52 6.49 21.03
N GLN A 17 5.48 6.30 22.35
CA GLN A 17 4.20 6.27 23.03
C GLN A 17 3.71 7.71 23.25
N ILE A 18 2.50 8.00 22.79
CA ILE A 18 1.86 9.29 22.94
C ILE A 18 0.67 9.09 23.87
N ASN A 19 0.55 9.95 24.88
CA ASN A 19 -0.54 9.88 25.84
C ASN A 19 -1.35 11.17 25.84
N GLU A 20 -2.56 11.09 26.39
CA GLU A 20 -3.37 12.28 26.54
C GLU A 20 -2.60 13.29 27.39
N GLY A 21 -2.64 14.56 26.98
CA GLY A 21 -1.88 15.61 27.61
C GLY A 21 -0.51 15.85 27.00
N ASP A 22 -0.02 14.92 26.21
CA ASP A 22 1.15 15.17 25.37
C ASP A 22 0.79 16.13 24.25
N PHE A 23 1.78 16.82 23.73
CA PHE A 23 1.55 17.45 22.46
C PHE A 23 1.93 16.61 21.26
N ALA A 24 1.20 16.84 20.17
CA ALA A 24 1.27 16.01 18.99
C ALA A 24 2.61 16.11 18.29
N PRO A 25 3.28 15.00 18.04
CA PRO A 25 4.51 15.02 17.24
C PRO A 25 4.20 15.39 15.81
N ASP A 26 5.21 15.96 15.14
CA ASP A 26 5.13 16.22 13.73
C ASP A 26 5.11 14.90 12.97
N PHE A 27 4.83 15.00 11.67
CA PHE A 27 4.81 13.81 10.82
C PHE A 27 4.95 14.27 9.39
N THR A 28 5.37 13.35 8.54
CA THR A 28 5.42 13.58 7.11
C THR A 28 4.72 12.44 6.42
N VAL A 29 3.60 12.72 5.75
CA VAL A 29 2.81 11.73 5.01
C VAL A 29 2.58 12.27 3.60
N LEU A 30 1.91 11.47 2.77
CA LEU A 30 1.69 11.83 1.36
C LEU A 30 0.21 11.99 1.09
N ASP A 31 -0.17 13.08 0.41
CA ASP A 31 -1.55 13.20 -0.04
C ASP A 31 -1.73 12.35 -1.29
N ASN A 32 -2.94 12.35 -1.85
CA ASN A 32 -3.31 11.42 -2.91
C ASN A 32 -2.52 11.67 -4.21
N ASP A 33 -1.87 12.84 -4.33
CA ASP A 33 -1.06 13.16 -5.48
C ASP A 33 0.41 13.19 -5.16
N LEU A 34 0.81 12.49 -4.11
CA LEU A 34 2.20 12.26 -3.70
C LEU A 34 2.92 13.53 -3.25
N ASN A 35 2.19 14.59 -2.92
CA ASN A 35 2.80 15.76 -2.27
C ASN A 35 2.91 15.53 -0.75
N GLN A 36 3.98 16.06 -0.15
CA GLN A 36 4.17 15.89 1.29
C GLN A 36 3.22 16.77 2.08
N VAL A 37 2.68 16.21 3.15
CA VAL A 37 1.82 16.90 4.10
C VAL A 37 2.42 16.70 5.48
N THR A 38 2.41 17.76 6.28
CA THR A 38 2.91 17.69 7.64
C THR A 38 1.88 18.34 8.56
N LEU A 39 2.15 18.31 9.87
CA LEU A 39 1.24 18.88 10.84
C LEU A 39 0.97 20.36 10.56
N ALA A 40 1.99 21.08 10.11
CA ALA A 40 1.84 22.49 9.82
C ALA A 40 0.79 22.78 8.74
N ASP A 41 0.44 21.80 7.93
CA ASP A 41 -0.60 22.02 6.92
C ASP A 41 -1.95 22.25 7.54
N TYR A 42 -2.12 21.91 8.82
CA TYR A 42 -3.40 22.05 9.49
C TYR A 42 -3.31 23.01 10.67
N ALA A 43 -2.41 23.98 10.58
CA ALA A 43 -2.24 24.91 11.69
C ALA A 43 -3.53 25.68 11.97
N GLY A 44 -3.85 25.83 13.24
CA GLY A 44 -4.96 26.65 13.66
C GLY A 44 -6.25 25.90 13.90
N LYS A 45 -6.35 24.63 13.50
CA LYS A 45 -7.58 23.86 13.61
C LYS A 45 -7.44 22.76 14.64
N LYS A 46 -8.57 22.35 15.23
CA LYS A 46 -8.61 21.09 15.98
C LYS A 46 -8.65 19.92 14.98
N LYS A 47 -8.18 18.75 15.44
CA LYS A 47 -8.08 17.60 14.55
C LYS A 47 -8.69 16.36 15.19
N LEU A 48 -9.43 15.57 14.38
CA LEU A 48 -9.72 14.18 14.69
C LEU A 48 -8.90 13.32 13.73
N ILE A 49 -7.93 12.59 14.27
CA ILE A 49 -7.05 11.75 13.46
C ILE A 49 -7.53 10.31 13.64
N SER A 50 -8.05 9.73 12.55
CA SER A 50 -8.60 8.38 12.52
C SER A 50 -7.57 7.54 11.76
N VAL A 51 -7.01 6.55 12.44
CA VAL A 51 -5.97 5.69 11.90
C VAL A 51 -6.59 4.34 11.62
N VAL A 52 -6.36 3.79 10.42
CA VAL A 52 -6.96 2.52 10.06
C VAL A 52 -5.92 1.59 9.43
N PRO A 53 -6.06 0.28 9.62
CA PRO A 53 -5.16 -0.65 8.92
C PRO A 53 -5.23 -0.60 7.39
N SER A 54 -6.43 -0.53 6.83
CA SER A 54 -6.59 -0.36 5.41
C SER A 54 -8.01 0.04 5.04
N ILE A 55 -8.13 1.16 4.33
CA ILE A 55 -9.43 1.68 3.88
C ILE A 55 -10.11 0.72 2.92
N ASP A 56 -9.42 -0.30 2.47
CA ASP A 56 -10.01 -1.31 1.59
C ASP A 56 -10.56 -2.52 2.35
N THR A 57 -10.69 -2.44 3.68
CA THR A 57 -11.40 -3.44 4.48
C THR A 57 -12.65 -2.81 5.07
N GLY A 58 -13.64 -3.66 5.38
CA GLY A 58 -14.95 -3.14 5.68
C GLY A 58 -15.00 -2.29 6.94
N VAL A 59 -14.31 -2.73 7.99
CA VAL A 59 -14.33 -1.98 9.25
C VAL A 59 -13.73 -0.60 9.07
N CYS A 60 -12.57 -0.52 8.40
CA CYS A 60 -11.91 0.76 8.15
C CYS A 60 -12.74 1.66 7.24
N ASP A 61 -13.37 1.09 6.23
CA ASP A 61 -14.32 1.85 5.41
C ASP A 61 -15.40 2.52 6.26
N GLN A 62 -16.12 1.72 7.07
CA GLN A 62 -17.17 2.24 7.95
C GLN A 62 -16.63 3.29 8.93
N GLN A 63 -15.46 3.04 9.54
CA GLN A 63 -14.87 4.03 10.45
C GLN A 63 -14.63 5.36 9.75
N THR A 64 -14.08 5.33 8.51
CA THR A 64 -13.80 6.56 7.78
C THR A 64 -15.10 7.30 7.46
N ARG A 65 -16.09 6.58 6.94
CA ARG A 65 -17.37 7.21 6.65
C ARG A 65 -17.98 7.86 7.88
N LYS A 66 -17.97 7.12 9.02
CA LYS A 66 -18.73 7.61 10.18
C LYS A 66 -18.05 8.83 10.79
N PHE A 67 -16.72 8.78 10.96
CA PHE A 67 -16.05 9.95 11.53
C PHE A 67 -16.25 11.15 10.62
N ASN A 68 -16.23 10.95 9.30
CA ASN A 68 -16.39 12.10 8.43
C ASN A 68 -17.83 12.62 8.41
N SER A 69 -18.82 11.76 8.55
CA SER A 69 -20.18 12.25 8.53
C SER A 69 -20.63 12.86 9.86
N ASP A 70 -20.09 12.39 10.99
CA ASP A 70 -20.59 12.82 12.29
C ASP A 70 -19.83 14.00 12.88
N ALA A 71 -18.59 14.23 12.48
CA ALA A 71 -17.78 15.30 13.04
C ALA A 71 -18.04 16.60 12.30
N SER A 72 -18.15 17.69 13.04
CA SER A 72 -18.31 19.01 12.45
C SER A 72 -16.98 19.49 11.86
N LYS A 73 -17.01 19.93 10.60
CA LYS A 73 -15.86 20.47 9.90
C LYS A 73 -15.88 22.01 9.90
N GLU A 74 -16.62 22.61 10.84
CA GLU A 74 -16.65 24.05 11.00
C GLU A 74 -15.28 24.61 11.41
N GLU A 75 -14.70 24.05 12.49
CA GLU A 75 -13.52 24.61 13.15
C GLU A 75 -12.35 23.63 13.14
N GLY A 76 -12.49 22.50 12.49
CA GLY A 76 -11.59 21.40 12.70
C GLY A 76 -11.63 20.51 11.49
N ILE A 77 -10.77 19.53 11.49
CA ILE A 77 -10.69 18.67 10.31
C ILE A 77 -10.59 17.23 10.77
N VAL A 78 -11.04 16.33 9.89
CA VAL A 78 -10.98 14.91 10.15
C VAL A 78 -9.94 14.33 9.18
N LEU A 79 -8.84 13.80 9.72
CA LEU A 79 -7.77 13.18 8.93
C LEU A 79 -7.88 11.67 9.03
N THR A 80 -7.82 10.98 7.88
CA THR A 80 -7.68 9.53 7.84
C THR A 80 -6.25 9.22 7.44
N ILE A 81 -5.56 8.41 8.24
CA ILE A 81 -4.16 8.07 7.96
C ILE A 81 -4.03 6.56 7.97
N SER A 82 -3.39 6.04 6.94
CA SER A 82 -3.17 4.60 6.84
C SER A 82 -1.92 4.30 6.03
N ALA A 83 -1.56 3.02 5.97
CA ALA A 83 -0.46 2.55 5.14
C ALA A 83 -0.94 2.13 3.76
N ASP A 84 -2.22 2.35 3.46
CA ASP A 84 -2.67 2.27 2.07
C ASP A 84 -1.77 3.12 1.15
N LEU A 85 -1.57 2.65 -0.07
CA LEU A 85 -0.87 3.52 -1.03
C LEU A 85 -1.75 4.73 -1.33
N PRO A 86 -1.15 5.87 -1.62
CA PRO A 86 -1.97 7.05 -2.00
C PRO A 86 -2.97 6.75 -3.11
N PHE A 87 -2.60 5.86 -4.03
CA PHE A 87 -3.47 5.58 -5.16
C PHE A 87 -4.73 4.82 -4.74
N ALA A 88 -4.61 3.90 -3.77
CA ALA A 88 -5.78 3.26 -3.18
C ALA A 88 -6.67 4.27 -2.43
N GLN A 89 -6.06 5.17 -1.64
CA GLN A 89 -6.86 6.18 -0.96
C GLN A 89 -7.65 7.04 -1.96
N LYS A 90 -6.97 7.53 -2.99
CA LYS A 90 -7.60 8.34 -4.04
CA LYS A 90 -7.64 8.35 -4.00
C LYS A 90 -8.81 7.60 -4.63
N ARG A 91 -8.56 6.34 -5.05
CA ARG A 91 -9.59 5.54 -5.70
C ARG A 91 -10.74 5.26 -4.76
N TRP A 92 -10.44 5.02 -3.49
CA TRP A 92 -11.48 4.76 -2.52
C TRP A 92 -12.40 5.96 -2.37
N CYS A 93 -11.83 7.14 -2.16
CA CYS A 93 -12.65 8.33 -2.01
C CYS A 93 -13.54 8.52 -3.23
N ALA A 94 -12.95 8.38 -4.43
CA ALA A 94 -13.75 8.59 -5.64
C ALA A 94 -14.89 7.57 -5.73
N SER A 95 -14.56 6.28 -5.61
CA SER A 95 -15.53 5.21 -5.72
C SER A 95 -16.71 5.42 -4.79
N ALA A 96 -16.44 5.91 -3.58
CA ALA A 96 -17.44 6.12 -2.55
C ALA A 96 -18.20 7.43 -2.71
N GLY A 97 -17.90 8.26 -3.69
CA GLY A 97 -18.56 9.55 -3.74
C GLY A 97 -18.20 10.41 -2.55
N LEU A 98 -16.98 10.27 -2.07
CA LEU A 98 -16.49 10.93 -0.88
C LEU A 98 -15.22 11.69 -1.22
N ASP A 99 -15.23 12.42 -2.35
CA ASP A 99 -14.01 13.08 -2.83
C ASP A 99 -13.52 14.14 -1.84
N ASN A 100 -14.42 14.71 -1.03
N ASN A 100 -14.41 14.74 -1.05
CA ASN A 100 -14.07 15.73 -0.04
CA ASN A 100 -14.03 15.77 -0.09
C ASN A 100 -13.29 15.20 1.16
C ASN A 100 -13.50 15.19 1.23
N VAL A 101 -13.15 13.90 1.29
CA VAL A 101 -12.65 13.29 2.52
C VAL A 101 -11.13 13.34 2.46
N ILE A 102 -10.50 13.72 3.58
CA ILE A 102 -9.03 13.81 3.64
C ILE A 102 -8.45 12.44 3.99
N THR A 103 -7.66 11.88 3.09
CA THR A 103 -6.92 10.65 3.28
C THR A 103 -5.44 10.92 3.06
N LEU A 104 -4.60 10.36 3.92
CA LEU A 104 -3.17 10.57 3.90
C LEU A 104 -2.47 9.23 4.08
N SER A 105 -1.36 9.09 3.34
CA SER A 105 -0.67 7.82 3.28
C SER A 105 0.66 7.92 4.00
N ASP A 106 0.87 6.96 4.92
CA ASP A 106 2.09 6.78 5.71
C ASP A 106 2.98 5.69 5.12
N HIS A 107 2.69 5.25 3.89
CA HIS A 107 3.26 4.01 3.38
C HIS A 107 4.77 4.06 3.22
N ARG A 108 5.32 5.22 2.81
CA ARG A 108 6.73 5.26 2.41
C ARG A 108 7.66 5.14 3.61
N ASP A 109 7.38 5.92 4.67
CA ASP A 109 8.30 6.12 5.78
C ASP A 109 7.78 5.67 7.14
N LEU A 110 6.47 5.41 7.29
CA LEU A 110 5.87 5.17 8.59
C LEU A 110 6.23 6.29 9.57
N SER A 111 6.30 7.52 9.05
CA SER A 111 6.64 8.66 9.90
C SER A 111 5.56 8.89 10.95
N PHE A 112 4.29 8.92 10.51
CA PHE A 112 3.20 9.10 11.45
C PHE A 112 3.15 7.91 12.41
N GLY A 113 3.16 6.69 11.86
CA GLY A 113 3.07 5.53 12.71
C GLY A 113 4.13 5.48 13.77
N GLU A 114 5.39 5.74 13.38
CA GLU A 114 6.48 5.65 14.34
C GLU A 114 6.40 6.77 15.36
N ASN A 115 6.01 7.98 14.91
CA ASN A 115 5.98 9.10 15.84
C ASN A 115 4.78 9.03 16.80
N TYR A 116 3.71 8.32 16.43
CA TYR A 116 2.53 8.19 17.29
C TYR A 116 2.38 6.81 17.93
N GLY A 117 3.29 5.89 17.66
CA GLY A 117 3.27 4.60 18.34
C GLY A 117 2.22 3.62 17.87
N VAL A 118 1.86 3.66 16.59
CA VAL A 118 0.79 2.82 16.07
C VAL A 118 1.19 1.95 14.86
N VAL A 119 2.46 1.57 14.78
CA VAL A 119 2.88 0.66 13.73
C VAL A 119 2.64 -0.76 14.24
N MET A 120 1.82 -1.54 13.53
CA MET A 120 1.70 -2.95 13.88
C MET A 120 2.93 -3.62 13.26
N GLU A 121 3.93 -3.92 14.07
CA GLU A 121 5.21 -4.37 13.55
C GLU A 121 5.06 -5.57 12.62
N GLU A 122 4.28 -6.56 13.05
CA GLU A 122 4.24 -7.82 12.33
C GLU A 122 3.58 -7.70 10.97
N LEU A 123 2.78 -6.66 10.73
CA LEU A 123 1.98 -6.55 9.52
C LEU A 123 2.39 -5.40 8.62
N ARG A 124 3.27 -4.53 9.09
CA ARG A 124 3.49 -3.19 8.55
C ARG A 124 2.21 -2.53 8.09
N LEU A 125 1.21 -2.52 8.95
CA LEU A 125 0.02 -1.70 8.82
C LEU A 125 -0.04 -0.82 10.05
N LEU A 126 -0.81 0.26 9.98
CA LEU A 126 -1.02 1.09 11.15
C LEU A 126 -2.16 0.51 11.99
N ALA A 127 -2.03 0.57 13.29
CA ALA A 127 -3.07 0.06 14.17
C ALA A 127 -4.29 0.96 14.16
N ARG A 128 -5.49 0.35 14.26
CA ARG A 128 -6.71 1.11 14.41
C ARG A 128 -6.59 2.00 15.64
N ALA A 129 -6.77 3.31 15.43
CA ALA A 129 -6.58 4.26 16.51
C ALA A 129 -7.29 5.57 16.23
N VAL A 130 -7.50 6.36 17.28
CA VAL A 130 -8.05 7.69 17.17
C VAL A 130 -7.28 8.62 18.11
N PHE A 131 -6.84 9.76 17.59
CA PHE A 131 -6.28 10.83 18.39
C PHE A 131 -7.10 12.10 18.18
N VAL A 132 -7.50 12.78 19.25
CA VAL A 132 -8.12 14.09 19.09
C VAL A 132 -7.18 15.16 19.62
N LEU A 133 -6.87 16.15 18.76
CA LEU A 133 -5.95 17.24 19.05
C LEU A 133 -6.73 18.55 19.11
N ASP A 134 -6.42 19.41 20.07
CA ASP A 134 -7.01 20.75 20.06
C ASP A 134 -6.24 21.64 19.05
N ALA A 135 -6.57 22.93 19.02
CA ALA A 135 -5.96 23.81 18.03
C ALA A 135 -4.52 24.13 18.36
N ASP A 136 -4.11 23.85 19.60
CA ASP A 136 -2.75 23.99 20.11
C ASP A 136 -1.97 22.69 19.90
N ASN A 137 -2.61 21.69 19.31
CA ASN A 137 -2.05 20.35 19.07
C ASN A 137 -1.72 19.59 20.35
N LYS A 138 -2.44 19.88 21.41
CA LYS A 138 -2.41 19.02 22.57
C LYS A 138 -3.39 17.88 22.39
N VAL A 139 -2.92 16.69 22.78
CA VAL A 139 -3.69 15.47 22.63
C VAL A 139 -4.69 15.41 23.79
N VAL A 140 -5.96 15.64 23.47
CA VAL A 140 -7.02 15.66 24.47
C VAL A 140 -7.66 14.28 24.64
N TYR A 141 -7.52 13.39 23.66
CA TYR A 141 -8.17 12.09 23.64
C TYR A 141 -7.38 11.14 22.74
N LYS A 142 -7.23 9.91 23.21
CA LYS A 142 -6.54 8.83 22.52
C LYS A 142 -7.24 7.51 22.77
N GLU A 143 -7.43 6.74 21.71
CA GLU A 143 -7.73 5.31 21.85
C GLU A 143 -6.92 4.55 20.82
N ILE A 144 -6.17 3.55 21.26
CA ILE A 144 -5.66 2.51 20.39
C ILE A 144 -6.48 1.26 20.61
N VAL A 145 -7.17 0.80 19.57
CA VAL A 145 -8.16 -0.25 19.76
C VAL A 145 -7.44 -1.55 20.13
N SER A 146 -7.89 -2.19 21.20
CA SER A 146 -7.09 -3.26 21.80
C SER A 146 -7.13 -4.52 20.96
N GLU A 147 -8.26 -4.79 20.28
CA GLU A 147 -8.34 -5.83 19.26
C GLU A 147 -8.70 -5.13 17.96
N GLY A 148 -7.80 -5.18 16.98
CA GLY A 148 -7.85 -4.25 15.86
C GLY A 148 -8.96 -4.51 14.86
N THR A 149 -9.64 -5.65 14.94
CA THR A 149 -10.79 -5.91 14.11
C THR A 149 -12.07 -5.29 14.67
N ASP A 150 -12.06 -4.78 15.90
CA ASP A 150 -13.22 -4.10 16.48
C ASP A 150 -13.25 -2.63 16.07
N PHE A 151 -14.44 -2.04 16.15
CA PHE A 151 -14.58 -0.62 15.90
C PHE A 151 -13.98 0.20 17.04
N PRO A 152 -13.55 1.41 16.77
CA PRO A 152 -13.18 2.28 17.88
C PRO A 152 -14.41 2.72 18.64
N ASP A 153 -14.19 3.51 19.68
CA ASP A 153 -15.28 4.07 20.46
C ASP A 153 -15.59 5.38 19.77
N PHE A 154 -16.52 5.33 18.81
CA PHE A 154 -16.85 6.54 18.05
C PHE A 154 -17.38 7.64 18.96
N ASP A 155 -18.28 7.28 19.89
CA ASP A 155 -18.97 8.29 20.67
C ASP A 155 -17.99 9.06 21.53
N ALA A 156 -17.04 8.36 22.16
CA ALA A 156 -16.15 9.05 23.08
C ALA A 156 -15.24 9.99 22.29
N ALA A 157 -14.76 9.55 21.14
CA ALA A 157 -13.89 10.41 20.34
C ALA A 157 -14.65 11.62 19.85
N LEU A 158 -15.86 11.41 19.32
CA LEU A 158 -16.67 12.52 18.83
C LEU A 158 -17.00 13.50 19.94
N ALA A 159 -17.33 13.01 21.14
CA ALA A 159 -17.59 13.92 22.25
C ALA A 159 -16.35 14.74 22.60
N ALA A 160 -15.19 14.09 22.59
CA ALA A 160 -13.97 14.82 22.90
C ALA A 160 -13.74 15.94 21.88
N TYR A 161 -13.90 15.61 20.58
CA TYR A 161 -13.69 16.58 19.51
C TYR A 161 -14.68 17.71 19.57
N LYS A 162 -15.92 17.40 19.92
CA LYS A 162 -17.01 18.38 19.93
C LYS A 162 -16.78 19.45 20.97
N ASN A 163 -16.17 19.08 22.09
CA ASN A 163 -16.10 19.93 23.26
C ASN A 163 -14.80 20.69 23.40
N ILE A 164 -13.93 20.62 22.39
CA ILE A 164 -12.61 21.27 22.43
C ILE A 164 -12.83 22.77 22.67
N THR B 2 21.14 0.34 -12.68
CA THR B 2 20.49 0.66 -11.42
C THR B 2 19.82 2.03 -11.40
N GLU B 3 19.65 2.65 -12.57
CA GLU B 3 19.15 4.02 -12.64
C GLU B 3 18.05 4.13 -13.69
N ILE B 4 16.88 4.63 -13.29
CA ILE B 4 15.76 4.85 -14.22
C ILE B 4 15.24 6.25 -13.97
N THR B 5 14.16 6.60 -14.66
CA THR B 5 13.39 7.79 -14.34
C THR B 5 11.94 7.39 -14.10
N PHE B 6 11.29 8.17 -13.26
CA PHE B 6 9.87 8.06 -13.01
C PHE B 6 9.33 9.48 -13.14
N LYS B 7 8.31 9.65 -13.99
CA LYS B 7 7.72 10.95 -14.23
C LYS B 7 8.75 11.97 -14.70
N GLY B 8 9.87 11.50 -15.24
CA GLY B 8 10.96 12.34 -15.66
C GLY B 8 12.08 12.51 -14.66
N GLY B 9 11.84 12.24 -13.39
CA GLY B 9 12.83 12.46 -12.35
C GLY B 9 13.67 11.23 -12.10
N PRO B 10 14.92 11.44 -11.70
CA PRO B 10 15.83 10.30 -11.52
C PRO B 10 15.38 9.43 -10.37
N ILE B 11 15.60 8.12 -10.52
CA ILE B 11 15.24 7.13 -9.51
C ILE B 11 16.37 6.12 -9.45
N HIS B 12 16.75 5.74 -8.23
CA HIS B 12 17.79 4.76 -7.98
C HIS B 12 17.14 3.44 -7.65
N LEU B 13 17.59 2.37 -8.29
CA LEU B 13 17.02 1.05 -8.05
C LEU B 13 17.86 0.32 -7.01
N LYS B 14 17.19 -0.20 -5.99
CA LYS B 14 17.81 -0.87 -4.86
C LYS B 14 17.58 -2.36 -5.04
N GLY B 15 18.64 -3.14 -4.80
CA GLY B 15 18.52 -4.58 -4.70
C GLY B 15 19.51 -5.27 -5.58
N GLN B 16 19.35 -6.59 -5.70
CA GLN B 16 20.26 -7.42 -6.46
C GLN B 16 19.89 -7.37 -7.95
N GLN B 17 20.90 -7.23 -8.79
CA GLN B 17 20.68 -7.21 -10.22
C GLN B 17 20.47 -8.62 -10.72
N ILE B 18 19.34 -8.85 -11.38
CA ILE B 18 19.03 -10.13 -11.99
C ILE B 18 19.07 -9.95 -13.49
N ASN B 19 19.82 -10.80 -14.19
CA ASN B 19 20.02 -10.72 -15.63
C ASN B 19 19.51 -11.97 -16.34
N GLU B 20 19.23 -11.81 -17.64
CA GLU B 20 18.88 -12.93 -18.50
C GLU B 20 19.97 -14.00 -18.40
N GLY B 21 19.53 -15.26 -18.38
CA GLY B 21 20.42 -16.38 -18.14
C GLY B 21 20.67 -16.68 -16.68
N ASP B 22 20.33 -15.78 -15.77
CA ASP B 22 20.52 -16.06 -14.35
C ASP B 22 19.48 -17.06 -13.83
N PHE B 23 19.80 -17.66 -12.68
CA PHE B 23 18.81 -18.42 -11.91
C PHE B 23 17.96 -17.42 -11.13
N ALA B 24 16.64 -17.51 -11.27
CA ALA B 24 15.77 -16.51 -10.64
C ALA B 24 15.72 -16.74 -9.13
N PRO B 25 15.87 -15.69 -8.31
CA PRO B 25 15.81 -15.87 -6.85
C PRO B 25 14.41 -16.17 -6.32
N ASP B 26 14.37 -16.82 -5.16
CA ASP B 26 13.10 -17.01 -4.48
C ASP B 26 12.70 -15.70 -3.83
N PHE B 27 11.51 -15.68 -3.24
CA PHE B 27 10.98 -14.51 -2.57
C PHE B 27 9.73 -14.90 -1.78
N THR B 28 9.30 -13.97 -0.92
CA THR B 28 8.11 -14.12 -0.08
C THR B 28 7.23 -12.91 -0.26
N VAL B 29 6.00 -13.13 -0.73
CA VAL B 29 4.99 -12.09 -0.93
C VAL B 29 3.67 -12.56 -0.31
N LEU B 30 2.64 -11.72 -0.37
CA LEU B 30 1.36 -12.08 0.27
C LEU B 30 0.27 -12.15 -0.80
N ASP B 31 -0.53 -13.23 -0.80
CA ASP B 31 -1.69 -13.30 -1.68
C ASP B 31 -2.81 -12.44 -1.08
N ASN B 32 -3.96 -12.42 -1.76
CA ASN B 32 -5.03 -11.52 -1.42
C ASN B 32 -5.69 -11.88 -0.09
N ASP B 33 -5.50 -13.09 0.41
CA ASP B 33 -5.97 -13.53 1.72
C ASP B 33 -4.87 -13.51 2.77
N LEU B 34 -3.71 -12.95 2.44
CA LEU B 34 -2.59 -12.75 3.36
C LEU B 34 -1.85 -14.05 3.69
N ASN B 35 -2.07 -15.08 2.88
CA ASN B 35 -1.19 -16.24 2.90
C ASN B 35 0.16 -15.87 2.30
N GLN B 36 1.23 -16.38 2.88
CA GLN B 36 2.52 -16.17 2.24
C GLN B 36 2.62 -17.08 1.00
N VAL B 37 3.26 -16.54 -0.05
CA VAL B 37 3.48 -17.21 -1.33
C VAL B 37 4.94 -17.02 -1.71
N THR B 38 5.55 -18.06 -2.29
CA THR B 38 6.92 -18.04 -2.81
C THR B 38 6.93 -18.69 -4.20
N LEU B 39 8.10 -18.75 -4.83
CA LEU B 39 8.19 -19.33 -6.17
C LEU B 39 7.76 -20.79 -6.17
N ALA B 40 7.91 -21.48 -5.02
CA ALA B 40 7.62 -22.91 -4.91
C ALA B 40 6.13 -23.22 -5.14
N ASP B 41 5.26 -22.22 -4.94
CA ASP B 41 3.85 -22.40 -5.22
C ASP B 41 3.59 -22.68 -6.68
N TYR B 42 4.54 -22.33 -7.55
CA TYR B 42 4.33 -22.41 -8.98
C TYR B 42 5.36 -23.32 -9.66
N ALA B 43 5.88 -24.27 -8.91
CA ALA B 43 6.92 -25.17 -9.41
C ALA B 43 6.47 -25.93 -10.65
N GLY B 44 7.37 -26.04 -11.61
CA GLY B 44 7.11 -26.80 -12.82
C GLY B 44 6.41 -26.04 -13.92
N LYS B 45 6.07 -24.78 -13.72
CA LYS B 45 5.51 -23.97 -14.78
C LYS B 45 6.41 -22.79 -15.11
N LYS B 46 6.27 -22.32 -16.34
CA LYS B 46 6.86 -21.05 -16.74
C LYS B 46 6.06 -19.91 -16.16
N LYS B 47 6.73 -18.76 -16.04
CA LYS B 47 6.09 -17.63 -15.36
C LYS B 47 6.38 -16.34 -16.10
N LEU B 48 5.35 -15.54 -16.34
CA LEU B 48 5.50 -14.15 -16.74
C LEU B 48 5.26 -13.32 -15.49
N ILE B 49 6.30 -12.66 -14.99
CA ILE B 49 6.17 -11.85 -13.79
C ILE B 49 6.11 -10.40 -14.24
N SER B 50 4.94 -9.81 -14.06
CA SER B 50 4.67 -8.42 -14.41
C SER B 50 4.72 -7.60 -13.13
N VAL B 51 5.64 -6.63 -13.10
CA VAL B 51 5.91 -5.80 -11.93
C VAL B 51 5.41 -4.38 -12.23
N VAL B 52 4.61 -3.85 -11.32
CA VAL B 52 4.03 -2.52 -11.53
C VAL B 52 4.14 -1.66 -10.29
N PRO B 53 4.36 -0.36 -10.46
CA PRO B 53 4.29 0.57 -9.31
C PRO B 53 2.97 0.52 -8.54
N SER B 54 1.82 0.60 -9.20
CA SER B 54 0.59 0.38 -8.45
C SER B 54 -0.59 0.07 -9.37
N ILE B 55 -1.34 -0.99 -9.03
CA ILE B 55 -2.45 -1.45 -9.85
C ILE B 55 -3.60 -0.47 -9.83
N ASP B 56 -3.58 0.48 -8.92
CA ASP B 56 -4.58 1.55 -8.86
C ASP B 56 -4.21 2.74 -9.73
N THR B 57 -3.19 2.62 -10.58
CA THR B 57 -2.92 3.63 -11.60
C THR B 57 -3.17 3.07 -13.00
N GLY B 58 -3.40 3.99 -13.94
CA GLY B 58 -3.90 3.60 -15.25
C GLY B 58 -2.95 2.73 -16.06
N VAL B 59 -1.66 3.12 -16.11
CA VAL B 59 -0.71 2.35 -16.91
C VAL B 59 -0.59 0.94 -16.33
N CYS B 60 -0.42 0.84 -15.01
CA CYS B 60 -0.29 -0.47 -14.36
C CYS B 60 -1.53 -1.33 -14.53
N ASP B 61 -2.70 -0.70 -14.46
CA ASP B 61 -3.94 -1.41 -14.68
C ASP B 61 -4.00 -1.98 -16.09
N GLN B 62 -3.63 -1.17 -17.08
CA GLN B 62 -3.69 -1.66 -18.43
C GLN B 62 -2.64 -2.74 -18.64
N GLN B 63 -1.48 -2.62 -18.03
CA GLN B 63 -0.45 -3.66 -18.17
C GLN B 63 -0.91 -5.00 -17.61
N THR B 64 -1.46 -4.97 -16.38
CA THR B 64 -1.97 -6.19 -15.77
C THR B 64 -3.04 -6.84 -16.66
N ARG B 65 -3.98 -6.04 -17.16
CA ARG B 65 -5.03 -6.62 -18.00
C ARG B 65 -4.45 -7.18 -19.30
N LYS B 66 -3.51 -6.45 -19.91
CA LYS B 66 -3.00 -6.88 -21.20
C LYS B 66 -2.25 -8.20 -21.08
N PHE B 67 -1.37 -8.31 -20.09
CA PHE B 67 -0.62 -9.55 -19.94
C PHE B 67 -1.56 -10.70 -19.58
N ASN B 68 -2.57 -10.43 -18.74
CA ASN B 68 -3.47 -11.53 -18.37
C ASN B 68 -4.39 -11.94 -19.53
N SER B 69 -4.73 -11.01 -20.42
CA SER B 69 -5.56 -11.35 -21.56
C SER B 69 -4.77 -12.09 -22.62
N ASP B 70 -3.54 -11.64 -22.90
CA ASP B 70 -2.82 -12.08 -24.10
C ASP B 70 -1.96 -13.31 -23.88
N ALA B 71 -1.52 -13.56 -22.66
CA ALA B 71 -0.71 -14.72 -22.36
C ALA B 71 -1.60 -15.91 -22.02
N SER B 72 -1.21 -17.10 -22.46
CA SER B 72 -1.93 -18.32 -22.16
C SER B 72 -1.62 -18.79 -20.74
N LYS B 73 -2.60 -19.42 -20.11
CA LYS B 73 -2.46 -19.85 -18.72
C LYS B 73 -2.68 -21.34 -18.50
N GLU B 74 -2.89 -22.13 -19.54
CA GLU B 74 -2.82 -23.59 -19.43
C GLU B 74 -1.41 -24.09 -19.57
N GLU B 75 -0.53 -23.24 -20.09
CA GLU B 75 0.89 -23.49 -20.28
C GLU B 75 1.74 -22.88 -19.17
N GLY B 76 1.23 -21.93 -18.39
CA GLY B 76 2.07 -21.28 -17.39
C GLY B 76 1.31 -20.27 -16.58
N ILE B 77 2.06 -19.49 -15.82
CA ILE B 77 1.52 -18.61 -14.78
C ILE B 77 1.86 -17.17 -15.12
N VAL B 78 0.87 -16.28 -14.98
CA VAL B 78 1.08 -14.85 -15.07
C VAL B 78 0.89 -14.24 -13.68
N LEU B 79 1.97 -13.71 -13.12
CA LEU B 79 1.95 -13.10 -11.79
C LEU B 79 2.09 -11.59 -11.92
N THR B 80 1.31 -10.87 -11.10
CA THR B 80 1.44 -9.43 -10.95
C THR B 80 1.93 -9.17 -9.54
N ILE B 81 3.05 -8.49 -9.41
CA ILE B 81 3.63 -8.19 -8.10
C ILE B 81 3.75 -6.67 -7.94
N SER B 82 3.32 -6.16 -6.81
CA SER B 82 3.43 -4.72 -6.57
C SER B 82 3.53 -4.49 -5.07
N ALA B 83 3.76 -3.23 -4.73
CA ALA B 83 3.72 -2.79 -3.34
C ALA B 83 2.33 -2.36 -2.88
N ASP B 84 1.29 -2.51 -3.72
CA ASP B 84 -0.07 -2.30 -3.27
C ASP B 84 -0.32 -3.24 -2.08
N LEU B 85 -1.12 -2.79 -1.12
CA LEU B 85 -1.53 -3.69 -0.06
C LEU B 85 -2.35 -4.83 -0.67
N PRO B 86 -2.36 -6.02 -0.03
CA PRO B 86 -3.24 -7.11 -0.51
C PRO B 86 -4.68 -6.68 -0.64
N PHE B 87 -5.15 -5.82 0.27
CA PHE B 87 -6.54 -5.39 0.23
C PHE B 87 -6.88 -4.60 -1.04
N ALA B 88 -5.94 -3.78 -1.53
CA ALA B 88 -6.11 -3.08 -2.79
C ALA B 88 -6.11 -4.05 -3.96
N GLN B 89 -5.25 -5.08 -3.92
CA GLN B 89 -5.20 -6.04 -5.02
C GLN B 89 -6.48 -6.84 -5.11
N LYS B 90 -7.01 -7.29 -3.96
CA LYS B 90 -8.28 -8.00 -3.96
C LYS B 90 -9.41 -7.14 -4.51
N ARG B 91 -9.50 -5.89 -4.00
CA ARG B 91 -10.49 -4.96 -4.50
C ARG B 91 -10.32 -4.74 -6.00
N TRP B 92 -9.09 -4.65 -6.47
CA TRP B 92 -8.85 -4.41 -7.89
C TRP B 92 -9.44 -5.54 -8.72
N CYS B 93 -9.16 -6.78 -8.34
CA CYS B 93 -9.70 -7.93 -9.09
C CYS B 93 -11.22 -7.88 -9.13
N ALA B 94 -11.86 -7.58 -8.00
CA ALA B 94 -13.33 -7.50 -7.96
C ALA B 94 -13.84 -6.39 -8.87
N SER B 95 -13.21 -5.21 -8.81
CA SER B 95 -13.71 -4.09 -9.62
C SER B 95 -13.49 -4.32 -11.12
N ALA B 96 -12.47 -5.07 -11.50
CA ALA B 96 -12.27 -5.40 -12.90
C ALA B 96 -13.21 -6.48 -13.39
N GLY B 97 -13.84 -7.22 -12.51
CA GLY B 97 -14.77 -8.28 -12.91
C GLY B 97 -14.06 -9.52 -13.38
N LEU B 98 -12.84 -9.75 -12.92
CA LEU B 98 -12.02 -10.90 -13.28
C LEU B 98 -11.80 -11.77 -12.05
N ASP B 99 -11.87 -13.09 -12.21
CA ASP B 99 -11.58 -13.99 -11.08
C ASP B 99 -10.45 -14.97 -11.40
N ASN B 100 -9.68 -14.70 -12.46
CA ASN B 100 -8.66 -15.58 -13.01
C ASN B 100 -7.29 -14.92 -12.99
N VAL B 101 -7.10 -13.92 -12.12
CA VAL B 101 -5.93 -13.04 -12.16
C VAL B 101 -5.20 -13.14 -10.83
N ILE B 102 -3.90 -13.43 -10.89
CA ILE B 102 -3.08 -13.60 -9.70
C ILE B 102 -2.38 -12.28 -9.41
N THR B 103 -2.65 -11.70 -8.26
CA THR B 103 -1.96 -10.50 -7.80
C THR B 103 -1.31 -10.82 -6.47
N LEU B 104 -0.06 -10.39 -6.30
CA LEU B 104 0.71 -10.64 -5.07
C LEU B 104 1.30 -9.34 -4.57
N SER B 105 1.38 -9.22 -3.24
CA SER B 105 1.81 -7.99 -2.61
C SER B 105 3.17 -8.15 -1.94
N ASP B 106 4.06 -7.23 -2.25
CA ASP B 106 5.41 -7.16 -1.72
C ASP B 106 5.52 -6.08 -0.66
N HIS B 107 4.39 -5.59 -0.13
CA HIS B 107 4.44 -4.36 0.65
C HIS B 107 5.20 -4.53 1.97
N ARG B 108 5.14 -5.72 2.57
CA ARG B 108 5.62 -5.85 3.95
CA ARG B 108 5.62 -5.90 3.94
C ARG B 108 7.14 -5.79 4.02
N ASP B 109 7.84 -6.56 3.20
CA ASP B 109 9.28 -6.72 3.29
C ASP B 109 10.06 -6.30 2.05
N LEU B 110 9.39 -5.96 0.96
CA LEU B 110 10.06 -5.78 -0.33
C LEU B 110 11.00 -6.97 -0.63
N SER B 111 10.55 -8.17 -0.27
CA SER B 111 11.36 -9.36 -0.55
C SER B 111 11.61 -9.53 -2.06
N PHE B 112 10.53 -9.49 -2.85
CA PHE B 112 10.67 -9.65 -4.28
C PHE B 112 11.49 -8.50 -4.87
N GLY B 113 11.17 -7.28 -4.45
CA GLY B 113 11.79 -6.13 -5.10
C GLY B 113 13.27 -6.08 -4.85
N GLU B 114 13.67 -6.43 -3.64
CA GLU B 114 15.08 -6.40 -3.28
C GLU B 114 15.82 -7.56 -3.93
N ASN B 115 15.14 -8.70 -4.08
CA ASN B 115 15.82 -9.85 -4.66
C ASN B 115 15.99 -9.69 -6.17
N TYR B 116 15.11 -8.93 -6.83
CA TYR B 116 15.12 -8.77 -8.28
C TYR B 116 15.64 -7.41 -8.72
N GLY B 117 15.96 -6.54 -7.78
CA GLY B 117 16.57 -5.27 -8.07
C GLY B 117 15.63 -4.23 -8.63
N VAL B 118 14.40 -4.16 -8.10
CA VAL B 118 13.40 -3.28 -8.71
C VAL B 118 12.71 -2.38 -7.72
N VAL B 119 13.38 -2.09 -6.60
CA VAL B 119 12.81 -1.17 -5.61
C VAL B 119 13.19 0.24 -6.05
N MET B 120 12.18 1.08 -6.32
CA MET B 120 12.38 2.53 -6.49
C MET B 120 12.57 3.14 -5.12
N GLU B 121 13.82 3.31 -4.73
CA GLU B 121 14.13 3.61 -3.35
C GLU B 121 13.44 4.87 -2.87
N GLU B 122 13.39 5.88 -3.72
CA GLU B 122 12.81 7.16 -3.36
C GLU B 122 11.30 7.08 -3.11
N LEU B 123 10.61 6.10 -3.70
CA LEU B 123 9.17 6.04 -3.65
C LEU B 123 8.62 4.89 -2.82
N ARG B 124 9.45 3.92 -2.45
CA ARG B 124 9.02 2.63 -1.88
C ARG B 124 7.91 1.99 -2.70
N LEU B 125 8.14 1.96 -4.00
CA LEU B 125 7.29 1.28 -4.95
C LEU B 125 8.19 0.44 -5.86
N LEU B 126 7.63 -0.60 -6.46
CA LEU B 126 8.40 -1.42 -7.38
C LEU B 126 8.45 -0.76 -8.76
N ALA B 127 9.61 -0.86 -9.39
CA ALA B 127 9.80 -0.32 -10.72
C ALA B 127 9.02 -1.15 -11.74
N ARG B 128 8.48 -0.48 -12.75
CA ARG B 128 7.79 -1.22 -13.81
C ARG B 128 8.77 -2.16 -14.50
N ALA B 129 8.47 -3.46 -14.52
CA ALA B 129 9.41 -4.41 -15.10
C ALA B 129 8.67 -5.68 -15.49
N VAL B 130 9.32 -6.48 -16.32
CA VAL B 130 8.84 -7.81 -16.69
C VAL B 130 9.99 -8.80 -16.58
N PHE B 131 9.76 -9.91 -15.90
CA PHE B 131 10.71 -11.03 -15.92
C PHE B 131 10.01 -12.29 -16.42
N VAL B 132 10.61 -13.02 -17.37
CA VAL B 132 10.04 -14.26 -17.85
C VAL B 132 10.94 -15.39 -17.39
N LEU B 133 10.37 -16.33 -16.64
CA LEU B 133 11.07 -17.47 -16.06
C LEU B 133 10.64 -18.74 -16.79
N ASP B 134 11.59 -19.61 -17.12
CA ASP B 134 11.17 -20.90 -17.65
C ASP B 134 10.72 -21.81 -16.50
N ALA B 135 10.24 -23.01 -16.86
CA ALA B 135 9.76 -23.94 -15.84
C ALA B 135 10.89 -24.38 -14.93
N ASP B 136 12.14 -24.06 -15.24
CA ASP B 136 13.28 -24.29 -14.35
C ASP B 136 13.73 -23.00 -13.67
N ASN B 137 12.94 -21.93 -13.78
CA ASN B 137 13.19 -20.65 -13.10
C ASN B 137 14.50 -20.03 -13.58
N LYS B 138 14.86 -20.31 -14.81
CA LYS B 138 15.91 -19.56 -15.49
C LYS B 138 15.28 -18.28 -16.02
N VAL B 139 15.93 -17.15 -15.80
CA VAL B 139 15.45 -15.88 -16.35
C VAL B 139 15.77 -15.87 -17.84
N VAL B 140 14.72 -15.98 -18.66
CA VAL B 140 14.91 -15.98 -20.10
C VAL B 140 14.69 -14.61 -20.73
N TYR B 141 14.00 -13.70 -20.03
CA TYR B 141 13.72 -12.39 -20.60
C TYR B 141 13.51 -11.41 -19.47
N LYS B 142 14.07 -10.22 -19.63
CA LYS B 142 13.96 -9.13 -18.67
C LYS B 142 13.83 -7.79 -19.36
N GLU B 143 12.91 -6.97 -18.87
CA GLU B 143 12.89 -5.55 -19.16
C GLU B 143 12.62 -4.77 -17.88
N ILE B 144 13.47 -3.77 -17.59
CA ILE B 144 13.12 -2.72 -16.63
C ILE B 144 12.88 -1.45 -17.41
N VAL B 145 11.66 -0.93 -17.31
CA VAL B 145 11.25 0.13 -18.22
C VAL B 145 12.00 1.40 -17.84
N SER B 146 12.60 2.01 -18.84
CA SER B 146 13.49 3.14 -18.63
CA SER B 146 13.49 3.13 -18.62
C SER B 146 12.80 4.32 -17.96
N GLU B 147 11.56 4.60 -18.38
CA GLU B 147 10.73 5.67 -17.83
C GLU B 147 9.49 4.95 -17.30
N GLY B 148 9.31 5.00 -15.98
CA GLY B 148 8.32 4.15 -15.33
C GLY B 148 6.87 4.40 -15.73
N THR B 149 6.58 5.60 -16.24
CA THR B 149 5.23 5.90 -16.69
C THR B 149 5.00 5.42 -18.12
N ASP B 150 6.00 4.82 -18.78
CA ASP B 150 5.83 4.23 -20.12
C ASP B 150 5.39 2.78 -19.99
N PHE B 151 4.80 2.26 -21.05
CA PHE B 151 4.43 0.84 -21.08
C PHE B 151 5.66 -0.02 -21.28
N PRO B 152 5.60 -1.27 -20.86
CA PRO B 152 6.63 -2.24 -21.21
C PRO B 152 6.47 -2.69 -22.66
N ASP B 153 7.51 -3.32 -23.20
CA ASP B 153 7.41 -3.96 -24.50
C ASP B 153 6.56 -5.22 -24.35
N PHE B 154 5.26 -5.12 -24.61
CA PHE B 154 4.36 -6.27 -24.41
C PHE B 154 4.72 -7.42 -25.34
N ASP B 155 4.96 -7.13 -26.62
CA ASP B 155 5.14 -8.18 -27.62
C ASP B 155 6.43 -8.98 -27.38
N ALA B 156 7.51 -8.30 -27.01
CA ALA B 156 8.75 -9.02 -26.70
C ALA B 156 8.58 -9.94 -25.51
N ALA B 157 7.93 -9.45 -24.44
CA ALA B 157 7.72 -10.27 -23.27
C ALA B 157 6.76 -11.43 -23.55
N LEU B 158 5.66 -11.15 -24.25
CA LEU B 158 4.70 -12.21 -24.54
C LEU B 158 5.32 -13.27 -25.42
N ALA B 159 6.19 -12.88 -26.36
CA ALA B 159 6.84 -13.86 -27.22
C ALA B 159 7.80 -14.73 -26.44
N ALA B 160 8.65 -14.10 -25.62
CA ALA B 160 9.56 -14.89 -24.79
C ALA B 160 8.79 -15.90 -23.95
N TYR B 161 7.65 -15.49 -23.39
CA TYR B 161 6.83 -16.39 -22.57
C TYR B 161 6.22 -17.52 -23.39
N LYS B 162 5.65 -17.18 -24.55
CA LYS B 162 5.02 -18.21 -25.38
C LYS B 162 6.03 -19.26 -25.84
N ASN B 163 7.24 -18.82 -26.19
CA ASN B 163 8.28 -19.69 -26.77
C ASN B 163 9.13 -20.37 -25.72
N ILE B 164 8.85 -20.09 -24.45
CA ILE B 164 9.07 -20.90 -23.28
C ILE B 164 9.87 -19.95 -22.36
S1 DTU C . 0.44 12.49 -9.09
C1 DTU C . -0.04 10.76 -9.37
C2 DTU C . -0.62 10.49 -10.75
O2 DTU C . 0.39 10.67 -11.74
C3 DTU C . -1.19 9.08 -10.83
O3 DTU C . -2.54 9.08 -11.24
C4 DTU C . -0.41 8.22 -11.82
S4 DTU C . 1.34 8.07 -11.40
H1 DTU C . -0.40 12.79 -9.44
H1C1 DTU C . -0.78 10.48 -8.61
H1C2 DTU C . 0.84 10.13 -9.23
H2 DTU C . -1.44 11.20 -10.93
HA DTU C . 1.21 10.98 -11.31
H3 DTU C . -1.12 8.66 -9.83
HB DTU C . -2.62 9.61 -12.08
H4C1 DTU C . -0.85 7.21 -11.84
H4C2 DTU C . -0.49 8.65 -12.81
H4 DTU C . 1.58 8.18 -12.33
#